data_1KLG
#
_entry.id   1KLG
#
_cell.length_a   172.986
_cell.length_b   172.986
_cell.length_c   121.435
_cell.angle_alpha   90.00
_cell.angle_beta   90.00
_cell.angle_gamma   120.00
#
_symmetry.space_group_name_H-M   'H 3'
#
loop_
_entity.id
_entity.type
_entity.pdbx_description
1 polymer 'HLA CLASS II HISTOCOMPATIBILITY ANTIGEN, DR ALPHA CHAIN'
2 polymer 'HLA CLASS II HISTOCOMPATIBILITY ANTIGEN, DR-1 BETA CHAIN'
3 polymer 'Triosephosphate isomerase peptide'
4 polymer 'ENTEROTOXIN TYPE C-3'
5 water water
#
loop_
_entity_poly.entity_id
_entity_poly.type
_entity_poly.pdbx_seq_one_letter_code
_entity_poly.pdbx_strand_id
1 'polypeptide(L)'
;EHVIIQAEFYLNPDQSGEFMFDFDGDEIFHVDMAKKETVWRLEEFGRFASFEAQGALANIAVDKANLEIMTKRSNYTPIT
NVPPEVTVLTNSPVELREPNVLICFIDKFTPPVVNVTWLRNGKPVTTGVSETVFLPREDHLFRKFHYLPFLPSTEDVYDC
RVEHWGLDEPLLKHWEF
;
A
2 'polypeptide(L)'
;GDTRPRFLWQLKFECHFFNGTERVRLLERCIYNQEESVRFDSDVGEYRAVTELGRPDAEYWNSQKDLLEQRRAAVDTYCR
HNYGVGESFTVQRRVEPKVTVYPSKTQPLQHHNLLVCSVSGFYPGSIEVRWFRNGQEEKAGVVSTGLIQNGDWTFQTLVM
LETVPRSGEVYTCQVEHPSVTSPLTVEWRA
;
B
3 'polypeptide(L)' GELIGILNAAKVPAD C
4 'polypeptide(L)'
;ESQPDPMPDDLHKSSEFTGTMGNMKYLYDDHYVSATKVKSVDSFFKWDLIYNISDKKLKNYDKVKTELLNEDLAKKYKDE
VVDVYGSNYYVNCYFSSKDNVGKVTGGKTCMYGGITKHEGNHFDNGNLQNVLVRVYENKRNTISFEVQTDKKSVTAQELD
IKARNFLINKKNLYEFNSSPYETGYIKFIENNGNTFWYDMMPAPGDKFDQSKYLMMYNDNKTVDSKSVKIEVHLTTKNG
;
D
#
# COMPACT_ATOMS: atom_id res chain seq x y z
N GLU A 1 18.81 7.77 -19.82
CA GLU A 1 18.73 7.03 -18.54
C GLU A 1 17.52 6.08 -18.46
N HIS A 2 17.25 5.68 -17.23
CA HIS A 2 16.15 4.80 -16.86
C HIS A 2 16.32 4.74 -15.36
N VAL A 3 15.26 4.99 -14.63
CA VAL A 3 15.38 4.98 -13.19
C VAL A 3 14.31 4.19 -12.50
N ILE A 4 14.75 3.35 -11.58
CA ILE A 4 13.85 2.55 -10.78
C ILE A 4 14.08 3.06 -9.37
N ILE A 5 13.01 3.48 -8.73
CA ILE A 5 13.14 3.99 -7.39
C ILE A 5 12.30 3.25 -6.37
N GLN A 6 12.93 2.94 -5.26
CA GLN A 6 12.22 2.30 -4.18
C GLN A 6 12.05 3.45 -3.19
N ALA A 7 10.83 3.99 -3.10
CA ALA A 7 10.58 5.12 -2.22
C ALA A 7 9.68 4.80 -1.06
N GLU A 8 10.06 5.29 0.11
CA GLU A 8 9.26 5.06 1.30
C GLU A 8 9.25 6.30 2.20
N PHE A 9 8.22 6.41 3.03
CA PHE A 9 8.15 7.52 3.96
C PHE A 9 7.27 7.23 5.15
N TYR A 10 7.42 8.03 6.19
CA TYR A 10 6.60 7.91 7.37
C TYR A 10 6.36 9.31 7.92
N LEU A 11 5.08 9.60 8.19
CA LEU A 11 4.69 10.91 8.68
C LEU A 11 4.09 10.92 10.07
N ASN A 12 4.66 11.73 10.96
CA ASN A 12 4.11 11.90 12.29
C ASN A 12 3.50 13.30 12.22
N PRO A 13 2.42 13.54 13.00
CA PRO A 13 1.85 12.52 13.88
C PRO A 13 0.68 11.76 13.23
N ASP A 14 0.50 11.92 11.92
CA ASP A 14 -0.58 11.24 11.21
C ASP A 14 -0.34 9.75 11.15
N GLN A 15 0.91 9.37 11.41
CA GLN A 15 1.37 7.99 11.34
C GLN A 15 1.02 7.33 10.00
N SER A 16 1.27 8.11 8.94
CA SER A 16 1.07 7.69 7.56
C SER A 16 2.40 7.09 7.12
N GLY A 17 2.32 5.94 6.47
CA GLY A 17 3.51 5.30 5.96
C GLY A 17 3.20 4.83 4.55
N GLU A 18 4.21 4.80 3.70
CA GLU A 18 4.00 4.34 2.35
C GLU A 18 5.26 3.66 1.87
N PHE A 19 5.08 2.71 0.96
CA PHE A 19 6.21 1.97 0.40
C PHE A 19 5.86 1.60 -1.03
N MET A 20 6.56 2.22 -1.98
CA MET A 20 6.29 1.98 -3.39
C MET A 20 7.52 1.92 -4.27
N PHE A 21 7.33 1.37 -5.46
CA PHE A 21 8.40 1.26 -6.44
C PHE A 21 8.00 2.13 -7.61
N ASP A 22 8.98 2.84 -8.15
CA ASP A 22 8.75 3.78 -9.23
C ASP A 22 9.69 3.47 -10.42
N PHE A 23 9.16 3.62 -11.63
CA PHE A 23 9.91 3.40 -12.87
C PHE A 23 9.70 4.60 -13.78
N ASP A 24 10.76 5.34 -14.04
CA ASP A 24 10.68 6.53 -14.88
C ASP A 24 9.47 7.42 -14.51
N GLY A 25 9.20 7.52 -13.21
CA GLY A 25 8.11 8.38 -12.78
C GLY A 25 6.74 7.73 -12.68
N ASP A 26 6.60 6.52 -13.20
CA ASP A 26 5.33 5.83 -13.14
C ASP A 26 5.41 4.73 -12.09
N GLU A 27 4.36 4.63 -11.29
CA GLU A 27 4.32 3.65 -10.21
C GLU A 27 4.19 2.20 -10.64
N ILE A 28 5.10 1.37 -10.15
CA ILE A 28 5.05 -0.04 -10.46
C ILE A 28 4.08 -0.67 -9.48
N PHE A 29 4.16 -0.24 -8.22
CA PHE A 29 3.28 -0.76 -7.18
C PHE A 29 3.55 -0.07 -5.87
N HIS A 30 2.77 -0.43 -4.86
CA HIS A 30 2.93 0.07 -3.51
C HIS A 30 2.36 -1.03 -2.61
N VAL A 31 2.68 -0.99 -1.34
CA VAL A 31 2.21 -2.00 -0.42
C VAL A 31 1.07 -1.48 0.42
N ASP A 32 -0.02 -2.24 0.48
CA ASP A 32 -1.16 -1.88 1.30
C ASP A 32 -0.70 -2.27 2.69
N MET A 33 -0.47 -1.29 3.55
CA MET A 33 0.04 -1.59 4.87
C MET A 33 -0.91 -2.25 5.84
N ALA A 34 -2.20 -2.25 5.53
CA ALA A 34 -3.17 -2.88 6.41
C ALA A 34 -3.41 -4.31 5.97
N LYS A 35 -3.60 -4.51 4.68
CA LYS A 35 -3.85 -5.84 4.16
C LYS A 35 -2.53 -6.58 3.96
N LYS A 36 -1.42 -5.85 4.08
CA LYS A 36 -0.10 -6.43 3.97
C LYS A 36 0.04 -7.22 2.68
N GLU A 37 -0.30 -6.58 1.57
CA GLU A 37 -0.19 -7.20 0.28
C GLU A 37 0.22 -6.15 -0.74
N THR A 38 0.73 -6.63 -1.87
CA THR A 38 1.21 -5.79 -2.96
C THR A 38 0.09 -5.33 -3.89
N VAL A 39 0.03 -4.02 -4.18
CA VAL A 39 -0.99 -3.54 -5.09
C VAL A 39 -0.30 -2.92 -6.30
N TRP A 40 -0.39 -3.62 -7.42
CA TRP A 40 0.22 -3.21 -8.66
C TRP A 40 -0.57 -2.11 -9.35
N ARG A 41 0.15 -1.11 -9.86
CA ARG A 41 -0.49 0.01 -10.55
C ARG A 41 -1.35 -0.49 -11.72
N LEU A 42 -0.80 -1.42 -12.48
CA LEU A 42 -1.53 -2.00 -13.60
C LEU A 42 -1.66 -3.49 -13.32
N GLU A 43 -2.88 -3.98 -13.35
CA GLU A 43 -3.21 -5.39 -13.12
C GLU A 43 -2.19 -6.36 -13.73
N GLU A 44 -1.88 -6.13 -14.99
CA GLU A 44 -0.93 -6.93 -15.73
C GLU A 44 0.43 -7.14 -15.06
N PHE A 45 0.91 -6.12 -14.35
CA PHE A 45 2.21 -6.26 -13.69
C PHE A 45 2.26 -7.44 -12.75
N GLY A 46 1.20 -7.63 -11.98
CA GLY A 46 1.16 -8.72 -11.02
C GLY A 46 1.30 -10.10 -11.62
N ARG A 47 1.19 -10.19 -12.95
CA ARG A 47 1.30 -11.47 -13.64
C ARG A 47 2.73 -11.68 -14.11
N PHE A 48 3.44 -10.58 -14.35
CA PHE A 48 4.81 -10.66 -14.84
C PHE A 48 5.86 -10.57 -13.74
N ALA A 49 5.44 -10.31 -12.50
CA ALA A 49 6.38 -10.18 -11.39
C ALA A 49 5.72 -10.43 -10.05
N SER A 50 6.53 -10.47 -9.00
CA SER A 50 5.99 -10.70 -7.65
C SER A 50 6.82 -9.91 -6.65
N PHE A 51 6.34 -9.81 -5.41
CA PHE A 51 7.06 -9.02 -4.40
C PHE A 51 6.66 -9.40 -2.96
N GLU A 52 7.64 -9.48 -2.07
CA GLU A 52 7.34 -9.83 -0.69
C GLU A 52 6.93 -8.62 0.13
N ALA A 53 5.62 -8.40 0.18
CA ALA A 53 4.99 -7.28 0.87
C ALA A 53 5.46 -7.10 2.31
N GLN A 54 5.54 -8.21 3.04
CA GLN A 54 5.97 -8.18 4.43
C GLN A 54 7.29 -7.43 4.56
N GLY A 55 8.13 -7.51 3.55
CA GLY A 55 9.41 -6.81 3.61
C GLY A 55 9.30 -5.30 3.66
N ALA A 56 8.22 -4.75 3.12
CA ALA A 56 8.05 -3.31 3.16
C ALA A 56 7.68 -2.93 4.60
N LEU A 57 6.97 -3.84 5.27
CA LEU A 57 6.53 -3.61 6.63
C LEU A 57 7.71 -3.58 7.60
N ALA A 58 8.78 -4.25 7.22
CA ALA A 58 9.95 -4.27 8.07
C ALA A 58 10.63 -2.92 7.94
N ASN A 59 10.78 -2.46 6.71
CA ASN A 59 11.42 -1.18 6.44
C ASN A 59 10.66 -0.04 7.08
N ILE A 60 9.33 -0.04 6.94
CA ILE A 60 8.49 1.01 7.48
C ILE A 60 8.71 1.15 8.98
N ALA A 61 8.88 0.04 9.67
CA ALA A 61 9.09 0.09 11.10
C ALA A 61 10.40 0.84 11.37
N VAL A 62 11.44 0.49 10.62
CA VAL A 62 12.73 1.14 10.77
C VAL A 62 12.58 2.63 10.47
N ASP A 63 11.91 2.93 9.37
CA ASP A 63 11.68 4.30 8.96
C ASP A 63 11.08 5.14 10.10
N LYS A 64 10.05 4.62 10.75
CA LYS A 64 9.43 5.36 11.83
C LYS A 64 10.45 5.60 12.94
N ALA A 65 11.09 4.52 13.40
CA ALA A 65 12.08 4.62 14.47
C ALA A 65 13.11 5.68 14.11
N ASN A 66 13.51 5.71 12.85
CA ASN A 66 14.47 6.69 12.39
C ASN A 66 13.85 8.08 12.47
N LEU A 67 12.59 8.18 12.11
CA LEU A 67 11.90 9.45 12.14
C LEU A 67 11.91 10.05 13.54
N GLU A 68 11.62 9.22 14.52
CA GLU A 68 11.59 9.65 15.92
C GLU A 68 12.97 10.14 16.33
N ILE A 69 14.04 9.44 15.92
CA ILE A 69 15.37 9.89 16.31
C ILE A 69 15.70 11.23 15.66
N MET A 70 15.42 11.36 14.36
CA MET A 70 15.71 12.58 13.63
C MET A 70 14.90 13.76 14.12
N THR A 71 13.62 13.52 14.35
CA THR A 71 12.74 14.57 14.82
C THR A 71 13.41 15.18 16.04
N LYS A 72 13.74 14.33 17.01
CA LYS A 72 14.37 14.76 18.24
C LYS A 72 15.69 15.49 18.07
N ARG A 73 16.56 14.99 17.20
CA ARG A 73 17.83 15.67 17.09
C ARG A 73 17.84 16.94 16.23
N SER A 74 16.70 17.26 15.63
CA SER A 74 16.61 18.48 14.84
C SER A 74 15.90 19.48 15.76
N ASN A 75 15.69 19.08 17.00
CA ASN A 75 14.97 19.88 17.98
C ASN A 75 13.53 20.10 17.58
N TYR A 76 12.93 19.03 17.09
CA TYR A 76 11.54 19.07 16.69
C TYR A 76 11.26 20.18 15.69
N THR A 77 12.12 20.26 14.68
CA THR A 77 11.97 21.22 13.61
C THR A 77 10.90 20.61 12.71
N PRO A 78 9.71 21.23 12.66
CA PRO A 78 8.58 20.75 11.85
C PRO A 78 8.71 21.01 10.36
N ILE A 79 7.95 20.27 9.56
CA ILE A 79 8.02 20.48 8.12
C ILE A 79 7.27 21.76 7.74
N THR A 80 7.73 22.41 6.69
CA THR A 80 7.09 23.61 6.19
C THR A 80 6.07 23.15 5.16
N ASN A 81 4.80 23.48 5.36
CA ASN A 81 3.77 23.09 4.43
C ASN A 81 3.99 23.76 3.07
N VAL A 82 4.05 22.97 2.01
CA VAL A 82 4.22 23.54 0.67
C VAL A 82 2.97 23.18 -0.13
N PRO A 83 2.09 24.17 -0.39
CA PRO A 83 0.83 23.98 -1.14
C PRO A 83 0.98 23.36 -2.52
N PRO A 84 -0.01 22.56 -2.94
CA PRO A 84 0.01 21.90 -4.24
C PRO A 84 -0.36 22.78 -5.42
N GLU A 85 0.19 22.41 -6.57
CA GLU A 85 -0.09 23.07 -7.83
C GLU A 85 -1.13 22.10 -8.39
N VAL A 86 -2.34 22.58 -8.61
CA VAL A 86 -3.39 21.71 -9.11
C VAL A 86 -3.79 22.02 -10.56
N THR A 87 -3.90 20.96 -11.36
CA THR A 87 -4.27 21.11 -12.76
C THR A 87 -5.29 20.05 -13.13
N VAL A 88 -6.19 20.37 -14.05
CA VAL A 88 -7.18 19.41 -14.48
C VAL A 88 -7.17 19.31 -15.99
N LEU A 89 -7.10 18.09 -16.49
CA LEU A 89 -7.10 17.86 -17.93
C LEU A 89 -7.81 16.58 -18.26
N THR A 90 -8.03 16.35 -19.55
CA THR A 90 -8.67 15.09 -19.94
C THR A 90 -7.59 14.17 -20.50
N ASN A 91 -7.85 12.87 -20.46
CA ASN A 91 -6.90 11.89 -20.92
C ASN A 91 -6.71 11.95 -22.45
N SER A 92 -7.72 12.46 -23.17
CA SER A 92 -7.66 12.59 -24.63
C SER A 92 -8.55 13.72 -25.15
N PRO A 93 -8.35 14.14 -26.41
CA PRO A 93 -9.19 15.22 -26.95
C PRO A 93 -10.67 14.95 -26.70
N VAL A 94 -11.32 15.86 -25.99
CA VAL A 94 -12.73 15.70 -25.64
C VAL A 94 -13.72 15.87 -26.79
N GLU A 95 -14.71 14.97 -26.85
CA GLU A 95 -15.76 15.00 -27.88
C GLU A 95 -17.08 14.72 -27.15
N LEU A 96 -18.12 15.48 -27.45
CA LEU A 96 -19.42 15.30 -26.79
C LEU A 96 -19.95 13.87 -26.79
N ARG A 97 -20.33 13.39 -25.61
CA ARG A 97 -20.86 12.04 -25.42
C ARG A 97 -19.87 10.91 -25.65
N GLU A 98 -18.63 11.26 -25.98
CA GLU A 98 -17.58 10.25 -26.19
C GLU A 98 -16.85 10.06 -24.86
N PRO A 99 -17.08 8.93 -24.19
CA PRO A 99 -16.43 8.63 -22.91
C PRO A 99 -14.99 9.12 -22.84
N ASN A 100 -14.69 9.86 -21.78
CA ASN A 100 -13.35 10.40 -21.55
C ASN A 100 -13.09 10.31 -20.06
N VAL A 101 -11.94 10.83 -19.61
CA VAL A 101 -11.59 10.83 -18.20
C VAL A 101 -10.95 12.13 -17.78
N LEU A 102 -11.34 12.62 -16.60
CA LEU A 102 -10.77 13.85 -16.06
C LEU A 102 -9.62 13.48 -15.13
N ILE A 103 -8.45 14.04 -15.39
CA ILE A 103 -7.30 13.77 -14.54
C ILE A 103 -7.06 15.02 -13.71
N CYS A 104 -6.87 14.85 -12.41
CA CYS A 104 -6.59 15.97 -11.54
C CYS A 104 -5.16 15.77 -11.02
N PHE A 105 -4.24 16.62 -11.48
CA PHE A 105 -2.83 16.56 -11.10
C PHE A 105 -2.55 17.40 -9.86
N ILE A 106 -2.25 16.75 -8.75
CA ILE A 106 -1.91 17.48 -7.53
C ILE A 106 -0.41 17.30 -7.41
N ASP A 107 0.34 18.35 -7.74
CA ASP A 107 1.81 18.27 -7.74
C ASP A 107 2.57 19.26 -6.86
N LYS A 108 3.85 18.97 -6.65
CA LYS A 108 4.78 19.79 -5.88
C LYS A 108 4.30 20.22 -4.50
N PHE A 109 3.93 19.26 -3.68
CA PHE A 109 3.45 19.61 -2.34
C PHE A 109 4.03 18.71 -1.26
N THR A 110 3.87 19.14 -0.01
CA THR A 110 4.34 18.37 1.13
C THR A 110 3.84 19.12 2.36
N PRO A 111 3.53 18.39 3.44
CA PRO A 111 3.57 16.93 3.63
C PRO A 111 2.54 16.14 2.83
N PRO A 112 2.78 14.83 2.67
CA PRO A 112 1.91 13.90 1.93
C PRO A 112 0.58 13.60 2.60
N VAL A 113 -0.26 14.63 2.66
CA VAL A 113 -1.59 14.52 3.24
C VAL A 113 -2.43 15.50 2.48
N VAL A 114 -3.53 15.02 1.90
CA VAL A 114 -4.38 15.88 1.10
C VAL A 114 -5.80 15.35 1.02
N ASN A 115 -6.74 16.26 0.82
CA ASN A 115 -8.14 15.88 0.67
C ASN A 115 -8.55 16.35 -0.71
N VAL A 116 -8.86 15.40 -1.57
CA VAL A 116 -9.26 15.71 -2.93
C VAL A 116 -10.69 15.27 -3.13
N THR A 117 -11.48 16.13 -3.77
CA THR A 117 -12.89 15.83 -4.03
C THR A 117 -13.28 16.35 -5.41
N TRP A 118 -13.99 15.52 -6.18
CA TRP A 118 -14.46 15.91 -7.51
C TRP A 118 -15.87 16.48 -7.36
N LEU A 119 -16.19 17.49 -8.15
CA LEU A 119 -17.50 18.10 -8.10
C LEU A 119 -18.10 18.19 -9.49
N ARG A 120 -19.38 17.84 -9.58
CA ARG A 120 -20.13 17.91 -10.83
C ARG A 120 -21.28 18.86 -10.54
N ASN A 121 -21.13 20.10 -11.01
CA ASN A 121 -22.14 21.12 -10.79
C ASN A 121 -22.35 21.33 -9.30
N GLY A 122 -21.28 21.68 -8.60
CA GLY A 122 -21.36 21.94 -7.18
C GLY A 122 -21.61 20.75 -6.27
N LYS A 123 -21.82 19.58 -6.86
CA LYS A 123 -22.06 18.39 -6.05
C LYS A 123 -20.92 17.38 -6.20
N PRO A 124 -20.59 16.69 -5.11
CA PRO A 124 -19.53 15.68 -5.06
C PRO A 124 -19.82 14.40 -5.83
N VAL A 125 -18.83 13.92 -6.57
CA VAL A 125 -18.95 12.70 -7.36
C VAL A 125 -18.19 11.56 -6.71
N THR A 126 -18.71 10.34 -6.82
CA THR A 126 -18.07 9.18 -6.22
C THR A 126 -17.89 8.04 -7.20
N THR A 127 -18.97 7.73 -7.91
CA THR A 127 -18.95 6.66 -8.87
C THR A 127 -17.80 6.75 -9.85
N GLY A 128 -17.11 5.61 -10.03
CA GLY A 128 -16.01 5.53 -10.97
C GLY A 128 -14.70 6.21 -10.65
N VAL A 129 -14.68 7.10 -9.65
CA VAL A 129 -13.44 7.79 -9.32
C VAL A 129 -12.37 6.85 -8.78
N SER A 130 -11.12 7.22 -9.01
CA SER A 130 -9.98 6.43 -8.53
C SER A 130 -8.86 7.43 -8.27
N GLU A 131 -7.85 7.02 -7.53
CA GLU A 131 -6.73 7.89 -7.22
C GLU A 131 -5.49 7.05 -7.00
N THR A 132 -4.34 7.70 -7.03
CA THR A 132 -3.07 7.01 -6.79
C THR A 132 -2.61 7.32 -5.37
N VAL A 133 -1.45 6.79 -4.98
CA VAL A 133 -0.90 7.09 -3.67
C VAL A 133 0.06 8.24 -3.95
N PHE A 134 0.77 8.71 -2.93
CA PHE A 134 1.71 9.81 -3.12
C PHE A 134 2.93 9.34 -3.88
N LEU A 135 3.28 10.07 -4.94
CA LEU A 135 4.42 9.71 -5.76
C LEU A 135 5.56 10.69 -5.49
N PRO A 136 6.79 10.18 -5.45
CA PRO A 136 8.02 10.95 -5.20
C PRO A 136 8.44 11.91 -6.30
N ARG A 137 9.21 12.91 -5.91
CA ARG A 137 9.72 13.91 -6.85
C ARG A 137 11.18 14.15 -6.51
N GLU A 138 11.98 14.50 -7.51
CA GLU A 138 13.38 14.77 -7.29
C GLU A 138 13.59 15.81 -6.18
N ASP A 139 12.70 16.80 -6.07
CA ASP A 139 12.83 17.82 -5.05
C ASP A 139 12.29 17.37 -3.70
N HIS A 140 11.87 16.11 -3.63
CA HIS A 140 11.36 15.52 -2.40
C HIS A 140 9.97 15.96 -1.94
N LEU A 141 9.25 16.60 -2.85
CA LEU A 141 7.88 17.00 -2.59
C LEU A 141 7.12 15.85 -3.22
N PHE A 142 5.80 15.89 -3.22
CA PHE A 142 5.06 14.79 -3.79
C PHE A 142 4.11 15.17 -4.92
N ARG A 143 3.68 14.16 -5.67
CA ARG A 143 2.71 14.34 -6.75
C ARG A 143 1.63 13.31 -6.45
N LYS A 144 0.47 13.43 -7.10
CA LYS A 144 -0.63 12.51 -6.86
C LYS A 144 -1.65 12.68 -7.97
N PHE A 145 -2.38 11.62 -8.32
CA PHE A 145 -3.37 11.72 -9.39
C PHE A 145 -4.74 11.23 -8.97
N HIS A 146 -5.76 11.99 -9.33
CA HIS A 146 -7.13 11.57 -9.05
C HIS A 146 -7.84 11.53 -10.41
N TYR A 147 -8.68 10.51 -10.61
CA TYR A 147 -9.36 10.39 -11.89
C TYR A 147 -10.88 10.33 -11.75
N LEU A 148 -11.56 10.83 -12.79
CA LEU A 148 -13.01 10.82 -12.82
C LEU A 148 -13.51 10.47 -14.22
N PRO A 149 -13.99 9.23 -14.40
CA PRO A 149 -14.48 8.86 -15.73
C PRO A 149 -15.75 9.69 -15.97
N PHE A 150 -15.93 10.24 -17.17
CA PHE A 150 -17.13 11.03 -17.41
C PHE A 150 -17.59 11.04 -18.86
N LEU A 151 -18.84 11.46 -19.05
CA LEU A 151 -19.44 11.53 -20.36
C LEU A 151 -19.57 13.02 -20.66
N PRO A 152 -18.75 13.54 -21.59
CA PRO A 152 -18.80 14.95 -21.94
C PRO A 152 -20.20 15.50 -22.25
N SER A 153 -20.39 16.77 -21.97
CA SER A 153 -21.66 17.46 -22.22
C SER A 153 -21.39 18.96 -22.16
N THR A 154 -22.33 19.76 -22.64
CA THR A 154 -22.15 21.22 -22.63
C THR A 154 -22.63 21.88 -21.34
N GLU A 155 -23.54 21.21 -20.64
CA GLU A 155 -24.11 21.73 -19.41
C GLU A 155 -23.23 21.58 -18.17
N ASP A 156 -22.67 20.39 -17.97
CA ASP A 156 -21.85 20.11 -16.81
C ASP A 156 -20.62 20.99 -16.60
N VAL A 157 -20.30 21.20 -15.33
CA VAL A 157 -19.15 21.98 -14.91
C VAL A 157 -18.51 21.22 -13.75
N TYR A 158 -17.24 20.85 -13.91
CA TYR A 158 -16.54 20.10 -12.88
C TYR A 158 -15.51 20.92 -12.11
N ASP A 159 -15.16 20.41 -10.94
CA ASP A 159 -14.16 21.03 -10.09
C ASP A 159 -13.38 19.95 -9.37
N CYS A 160 -12.06 20.10 -9.34
CA CYS A 160 -11.24 19.19 -8.58
C CYS A 160 -11.01 20.06 -7.35
N ARG A 161 -11.56 19.66 -6.22
CA ARG A 161 -11.45 20.41 -4.97
C ARG A 161 -10.35 19.84 -4.09
N VAL A 162 -9.31 20.64 -3.85
CA VAL A 162 -8.19 20.17 -3.05
C VAL A 162 -7.91 20.95 -1.78
N GLU A 163 -7.78 20.23 -0.68
CA GLU A 163 -7.48 20.83 0.60
C GLU A 163 -6.11 20.37 1.08
N HIS A 164 -5.31 21.31 1.57
CA HIS A 164 -3.99 21.00 2.06
C HIS A 164 -3.56 22.08 3.04
N TRP A 165 -2.91 21.68 4.13
CA TRP A 165 -2.47 22.63 5.15
C TRP A 165 -1.75 23.81 4.54
N GLY A 166 -1.14 23.62 3.37
CA GLY A 166 -0.44 24.71 2.73
C GLY A 166 -1.38 25.74 2.14
N LEU A 167 -2.64 25.35 1.98
CA LEU A 167 -3.64 26.24 1.42
C LEU A 167 -4.52 26.87 2.49
N ASP A 168 -4.56 28.20 2.51
CA ASP A 168 -5.36 28.94 3.47
C ASP A 168 -6.82 28.56 3.28
N GLU A 169 -7.15 28.09 2.08
CA GLU A 169 -8.50 27.67 1.76
C GLU A 169 -8.61 26.71 0.59
N PRO A 170 -9.71 25.93 0.55
CA PRO A 170 -9.91 24.97 -0.54
C PRO A 170 -9.62 25.56 -1.91
N LEU A 171 -8.86 24.83 -2.71
CA LEU A 171 -8.54 25.27 -4.05
C LEU A 171 -9.43 24.51 -5.02
N LEU A 172 -10.19 25.23 -5.84
CA LEU A 172 -11.06 24.55 -6.80
C LEU A 172 -10.62 24.79 -8.24
N LYS A 173 -10.25 23.71 -8.92
CA LYS A 173 -9.84 23.85 -10.30
C LYS A 173 -11.05 23.52 -11.15
N HIS A 174 -11.41 24.49 -11.97
CA HIS A 174 -12.56 24.41 -12.84
C HIS A 174 -12.26 23.71 -14.16
N TRP A 175 -13.26 22.98 -14.66
CA TRP A 175 -13.15 22.32 -15.94
C TRP A 175 -14.54 22.11 -16.50
N GLU A 176 -14.73 22.53 -17.75
CA GLU A 176 -16.01 22.40 -18.44
C GLU A 176 -15.67 22.23 -19.91
N PHE A 177 -16.67 21.83 -20.69
CA PHE A 177 -16.47 21.62 -22.13
C PHE A 177 -16.26 22.94 -22.88
N GLY B 1 -9.54 22.54 15.49
CA GLY B 1 -8.85 22.00 14.25
C GLY B 1 -7.57 21.24 14.56
N ASP B 2 -6.83 20.87 13.51
CA ASP B 2 -5.56 20.12 13.67
C ASP B 2 -4.39 21.00 13.25
N THR B 3 -3.68 21.52 14.24
CA THR B 3 -2.54 22.39 13.96
C THR B 3 -1.21 21.80 14.40
N ARG B 4 -1.22 20.54 14.84
CA ARG B 4 0.00 19.89 15.28
C ARG B 4 1.04 19.96 14.18
N PRO B 5 2.32 20.11 14.56
CA PRO B 5 3.39 20.18 13.58
C PRO B 5 3.63 18.78 13.01
N ARG B 6 4.12 18.69 11.78
CA ARG B 6 4.36 17.38 11.17
C ARG B 6 5.86 17.16 11.05
N PHE B 7 6.25 15.89 11.03
CA PHE B 7 7.65 15.51 10.91
C PHE B 7 7.71 14.34 9.94
N LEU B 8 8.27 14.58 8.77
CA LEU B 8 8.36 13.57 7.71
C LEU B 8 9.74 12.95 7.58
N TRP B 9 9.80 11.71 7.11
CA TRP B 9 11.08 11.03 6.90
C TRP B 9 10.91 10.18 5.66
N GLN B 10 11.83 10.35 4.72
CA GLN B 10 11.79 9.60 3.47
C GLN B 10 13.09 8.86 3.23
N LEU B 11 12.97 7.64 2.72
CA LEU B 11 14.11 6.80 2.36
C LEU B 11 13.90 6.43 0.89
N LYS B 12 14.89 6.72 0.06
CA LYS B 12 14.78 6.42 -1.36
C LYS B 12 16.01 5.71 -1.87
N PHE B 13 15.81 4.59 -2.58
CA PHE B 13 16.90 3.85 -3.18
C PHE B 13 16.69 4.01 -4.68
N GLU B 14 17.53 4.82 -5.31
CA GLU B 14 17.42 5.07 -6.74
C GLU B 14 18.43 4.27 -7.56
N CYS B 15 17.93 3.48 -8.50
CA CYS B 15 18.81 2.72 -9.37
C CYS B 15 18.79 3.43 -10.71
N HIS B 16 19.91 4.03 -11.08
CA HIS B 16 20.00 4.73 -12.36
C HIS B 16 20.70 3.85 -13.41
N PHE B 17 20.01 3.62 -14.53
CA PHE B 17 20.54 2.79 -15.62
C PHE B 17 20.79 3.56 -16.93
N PHE B 18 21.96 3.36 -17.53
CA PHE B 18 22.29 3.99 -18.80
C PHE B 18 22.82 2.86 -19.72
N ASN B 19 22.36 2.84 -20.97
CA ASN B 19 22.74 1.80 -21.94
C ASN B 19 22.38 0.44 -21.35
N GLY B 20 21.12 0.31 -20.95
CA GLY B 20 20.67 -0.94 -20.36
C GLY B 20 21.25 -1.12 -18.97
N THR B 21 21.90 -2.26 -18.74
CA THR B 21 22.52 -2.49 -17.45
C THR B 21 24.03 -2.36 -17.60
N GLU B 22 24.46 -1.64 -18.63
CA GLU B 22 25.89 -1.46 -18.84
C GLU B 22 26.44 -0.76 -17.61
N ARG B 23 26.12 0.51 -17.46
CA ARG B 23 26.56 1.25 -16.29
C ARG B 23 25.36 1.48 -15.37
N VAL B 24 25.58 1.26 -14.09
CA VAL B 24 24.53 1.41 -13.11
C VAL B 24 25.04 2.13 -11.88
N ARG B 25 24.20 3.03 -11.38
CA ARG B 25 24.55 3.79 -10.21
C ARG B 25 23.43 3.65 -9.21
N LEU B 26 23.79 3.45 -7.94
CA LEU B 26 22.80 3.32 -6.90
C LEU B 26 22.94 4.50 -5.99
N LEU B 27 21.85 5.23 -5.78
CA LEU B 27 21.86 6.39 -4.91
C LEU B 27 20.84 6.15 -3.80
N GLU B 28 21.33 5.94 -2.59
CA GLU B 28 20.47 5.73 -1.42
C GLU B 28 20.44 7.06 -0.68
N ARG B 29 19.24 7.61 -0.49
CA ARG B 29 19.15 8.91 0.17
C ARG B 29 18.08 9.04 1.24
N CYS B 30 18.41 9.81 2.28
CA CYS B 30 17.51 10.06 3.39
C CYS B 30 17.12 11.52 3.40
N ILE B 31 15.85 11.80 3.67
CA ILE B 31 15.36 13.18 3.69
C ILE B 31 14.52 13.43 4.93
N TYR B 32 14.89 14.40 5.75
CA TYR B 32 14.11 14.67 6.96
C TYR B 32 12.77 15.32 6.60
N ASN B 33 12.68 16.63 6.50
CA ASN B 33 11.37 17.15 6.11
C ASN B 33 11.46 17.36 4.61
N GLN B 34 12.14 18.43 4.20
CA GLN B 34 12.32 18.65 2.78
C GLN B 34 13.83 18.69 2.54
N GLU B 35 14.60 18.33 3.55
CA GLU B 35 16.06 18.36 3.46
C GLU B 35 16.78 17.01 3.40
N GLU B 36 17.48 16.76 2.29
CA GLU B 36 18.25 15.52 2.16
C GLU B 36 19.37 15.67 3.15
N SER B 37 19.53 14.67 4.02
CA SER B 37 20.56 14.74 5.04
C SER B 37 21.73 13.79 4.83
N VAL B 38 21.44 12.55 4.44
CA VAL B 38 22.47 11.55 4.23
C VAL B 38 22.25 10.84 2.91
N ARG B 39 23.29 10.22 2.38
CA ARG B 39 23.16 9.49 1.13
C ARG B 39 24.29 8.52 0.91
N PHE B 40 24.01 7.50 0.10
CA PHE B 40 25.04 6.55 -0.27
C PHE B 40 25.06 6.56 -1.78
N ASP B 41 26.16 7.02 -2.34
CA ASP B 41 26.33 7.09 -3.79
C ASP B 41 27.24 5.92 -4.17
N SER B 42 26.74 4.99 -4.99
CA SER B 42 27.58 3.85 -5.36
C SER B 42 28.84 4.32 -6.07
N ASP B 43 28.78 5.50 -6.68
CA ASP B 43 29.95 6.04 -7.37
C ASP B 43 30.93 6.53 -6.32
N VAL B 44 30.43 6.86 -5.14
CA VAL B 44 31.30 7.32 -4.07
C VAL B 44 31.83 6.14 -3.29
N GLY B 45 30.97 5.15 -3.03
CA GLY B 45 31.42 3.97 -2.30
C GLY B 45 31.12 3.97 -0.82
N GLU B 46 30.70 5.11 -0.27
CA GLU B 46 30.38 5.21 1.15
C GLU B 46 29.33 6.29 1.39
N TYR B 47 28.78 6.30 2.60
CA TYR B 47 27.79 7.31 2.94
C TYR B 47 28.49 8.64 3.07
N ARG B 48 27.72 9.72 2.91
CA ARG B 48 28.23 11.07 3.00
C ARG B 48 27.09 11.94 3.51
N ALA B 49 27.36 12.71 4.55
CA ALA B 49 26.33 13.59 5.08
C ALA B 49 26.11 14.66 4.02
N VAL B 50 24.86 15.07 3.83
CA VAL B 50 24.57 16.10 2.85
C VAL B 50 24.37 17.42 3.61
N THR B 51 24.09 17.31 4.90
CA THR B 51 23.91 18.47 5.76
C THR B 51 24.38 18.01 7.11
N GLU B 52 24.63 18.94 8.03
CA GLU B 52 25.11 18.55 9.35
C GLU B 52 24.16 17.59 10.05
N LEU B 53 22.87 17.70 9.77
CA LEU B 53 21.86 16.84 10.40
C LEU B 53 22.20 15.35 10.17
N GLY B 54 22.75 15.03 9.01
CA GLY B 54 23.08 13.66 8.69
C GLY B 54 24.45 13.15 9.13
N ARG B 55 25.35 14.04 9.52
CA ARG B 55 26.68 13.61 9.94
C ARG B 55 26.69 12.36 10.81
N PRO B 56 25.91 12.35 11.89
CA PRO B 56 25.88 11.18 12.77
C PRO B 56 25.64 9.86 12.03
N ASP B 57 24.68 9.86 11.12
CA ASP B 57 24.36 8.66 10.38
C ASP B 57 25.46 8.19 9.44
N ALA B 58 26.01 9.12 8.66
CA ALA B 58 27.08 8.77 7.74
C ALA B 58 28.22 8.12 8.53
N GLU B 59 28.56 8.74 9.65
CA GLU B 59 29.64 8.24 10.47
C GLU B 59 29.35 6.87 11.01
N TYR B 60 28.13 6.67 11.50
CA TYR B 60 27.76 5.39 12.06
C TYR B 60 27.63 4.31 10.99
N TRP B 61 27.08 4.65 9.83
CA TRP B 61 26.90 3.67 8.79
C TRP B 61 28.22 3.27 8.14
N ASN B 62 29.11 4.23 7.97
CA ASN B 62 30.41 3.94 7.38
C ASN B 62 31.30 3.07 8.29
N SER B 63 30.92 2.95 9.55
CA SER B 63 31.69 2.16 10.50
C SER B 63 31.26 0.69 10.44
N GLN B 64 30.31 0.38 9.57
CA GLN B 64 29.81 -0.98 9.42
C GLN B 64 30.24 -1.57 8.10
N LYS B 65 31.36 -2.27 8.13
CA LYS B 65 31.92 -2.88 6.93
C LYS B 65 30.91 -3.72 6.20
N ASP B 66 30.19 -4.56 6.93
CA ASP B 66 29.19 -5.42 6.32
C ASP B 66 28.12 -4.61 5.58
N LEU B 67 27.71 -3.47 6.16
CA LEU B 67 26.72 -2.60 5.52
C LEU B 67 27.29 -2.07 4.21
N LEU B 68 28.53 -1.58 4.26
CA LEU B 68 29.18 -1.03 3.07
C LEU B 68 29.39 -2.09 1.99
N GLU B 69 29.77 -3.30 2.40
CA GLU B 69 29.98 -4.36 1.43
C GLU B 69 28.68 -4.68 0.72
N GLN B 70 27.61 -4.87 1.47
CA GLN B 70 26.34 -5.20 0.83
C GLN B 70 25.86 -4.04 -0.03
N ARG B 71 26.05 -2.82 0.47
CA ARG B 71 25.62 -1.64 -0.27
C ARG B 71 26.38 -1.53 -1.59
N ARG B 72 27.70 -1.75 -1.53
CA ARG B 72 28.54 -1.69 -2.72
C ARG B 72 28.11 -2.71 -3.76
N ALA B 73 27.71 -3.90 -3.31
CA ALA B 73 27.30 -4.95 -4.23
C ALA B 73 25.82 -4.84 -4.67
N ALA B 74 25.09 -3.88 -4.10
CA ALA B 74 23.69 -3.71 -4.45
C ALA B 74 23.49 -3.31 -5.91
N VAL B 75 24.44 -2.61 -6.50
CA VAL B 75 24.26 -2.22 -7.90
C VAL B 75 24.06 -3.50 -8.72
N ASP B 76 24.63 -4.61 -8.25
CA ASP B 76 24.45 -5.89 -8.95
C ASP B 76 23.27 -6.68 -8.41
N THR B 77 23.29 -6.94 -7.10
CA THR B 77 22.26 -7.76 -6.46
C THR B 77 20.87 -7.11 -6.33
N TYR B 78 20.81 -5.79 -6.44
CA TYR B 78 19.54 -5.09 -6.31
C TYR B 78 19.12 -4.43 -7.63
N CYS B 79 19.91 -3.44 -8.07
CA CYS B 79 19.63 -2.71 -9.30
C CYS B 79 19.59 -3.59 -10.57
N ARG B 80 20.74 -4.10 -10.99
CA ARG B 80 20.77 -4.93 -12.19
C ARG B 80 19.79 -6.09 -12.02
N HIS B 81 19.66 -6.61 -10.79
CA HIS B 81 18.73 -7.71 -10.57
C HIS B 81 17.30 -7.29 -10.89
N ASN B 82 16.84 -6.20 -10.28
CA ASN B 82 15.48 -5.75 -10.51
C ASN B 82 15.24 -5.30 -11.95
N TYR B 83 16.28 -4.83 -12.60
CA TYR B 83 16.13 -4.40 -13.99
C TYR B 83 15.81 -5.62 -14.83
N GLY B 84 16.52 -6.72 -14.56
CA GLY B 84 16.29 -7.94 -15.29
C GLY B 84 14.91 -8.52 -15.05
N VAL B 85 14.39 -8.31 -13.86
CA VAL B 85 13.08 -8.82 -13.53
C VAL B 85 11.96 -8.04 -14.19
N GLY B 86 12.03 -6.72 -14.13
CA GLY B 86 10.95 -5.91 -14.68
C GLY B 86 11.12 -5.39 -16.09
N GLU B 87 12.29 -5.56 -16.67
CA GLU B 87 12.55 -5.08 -18.01
C GLU B 87 11.47 -5.42 -19.03
N SER B 88 11.04 -6.67 -19.02
CA SER B 88 10.03 -7.12 -19.96
C SER B 88 8.75 -6.29 -19.99
N PHE B 89 8.31 -5.80 -18.83
CA PHE B 89 7.09 -5.01 -18.78
C PHE B 89 7.22 -3.53 -18.45
N THR B 90 8.43 -3.00 -18.53
CA THR B 90 8.66 -1.59 -18.24
C THR B 90 9.48 -0.98 -19.36
N VAL B 91 10.75 -1.36 -19.42
CA VAL B 91 11.63 -0.85 -20.44
C VAL B 91 11.07 -1.17 -21.82
N GLN B 92 10.44 -2.33 -21.96
CA GLN B 92 9.89 -2.73 -23.25
C GLN B 92 8.40 -2.46 -23.47
N ARG B 93 7.70 -1.99 -22.44
CA ARG B 93 6.29 -1.70 -22.58
C ARG B 93 6.09 -0.69 -23.72
N ARG B 94 5.03 -0.89 -24.50
CA ARG B 94 4.77 0.00 -25.62
C ARG B 94 3.31 0.11 -26.02
N VAL B 95 2.85 1.36 -26.07
CA VAL B 95 1.48 1.67 -26.45
C VAL B 95 1.57 2.77 -27.50
N GLU B 96 1.01 2.50 -28.66
CA GLU B 96 1.03 3.44 -29.78
C GLU B 96 0.18 4.67 -29.49
N PRO B 97 0.65 5.85 -29.90
CA PRO B 97 -0.09 7.09 -29.67
C PRO B 97 -1.26 7.30 -30.61
N LYS B 98 -2.32 7.94 -30.09
CA LYS B 98 -3.48 8.25 -30.90
C LYS B 98 -3.20 9.64 -31.42
N VAL B 99 -3.09 9.78 -32.74
CA VAL B 99 -2.80 11.08 -33.34
C VAL B 99 -3.97 11.64 -34.13
N THR B 100 -4.27 12.91 -33.91
CA THR B 100 -5.34 13.58 -34.64
C THR B 100 -4.99 15.04 -34.85
N VAL B 101 -5.41 15.59 -35.99
CA VAL B 101 -5.13 16.99 -36.30
C VAL B 101 -6.41 17.75 -36.54
N TYR B 102 -6.51 18.93 -35.94
CA TYR B 102 -7.68 19.78 -36.08
C TYR B 102 -7.30 21.22 -35.74
N PRO B 103 -8.10 22.20 -36.19
CA PRO B 103 -7.78 23.59 -35.89
C PRO B 103 -8.21 23.93 -34.48
N SER B 104 -7.43 24.77 -33.79
CA SER B 104 -7.77 25.14 -32.43
C SER B 104 -9.00 26.03 -32.37
N LYS B 105 -9.64 26.06 -31.20
CA LYS B 105 -10.79 26.92 -30.99
C LYS B 105 -10.14 28.18 -30.45
N THR B 106 -9.29 28.81 -31.24
CA THR B 106 -8.59 29.99 -30.77
C THR B 106 -8.49 31.17 -31.73
N GLN B 107 -7.84 30.96 -32.87
CA GLN B 107 -7.63 32.00 -33.91
C GLN B 107 -7.54 33.47 -33.50
N HIS B 111 -6.40 36.47 -41.49
CA HIS B 111 -5.64 36.30 -40.23
C HIS B 111 -4.86 34.98 -40.29
N HIS B 112 -4.48 34.44 -39.14
CA HIS B 112 -3.73 33.19 -39.08
C HIS B 112 -4.60 32.02 -38.60
N ASN B 113 -4.23 30.81 -38.99
CA ASN B 113 -4.97 29.62 -38.56
C ASN B 113 -4.10 28.70 -37.70
N LEU B 114 -4.49 28.56 -36.43
CA LEU B 114 -3.75 27.73 -35.48
C LEU B 114 -4.14 26.26 -35.56
N LEU B 115 -3.18 25.42 -35.93
CA LEU B 115 -3.44 23.98 -36.03
C LEU B 115 -2.97 23.21 -34.80
N VAL B 116 -3.69 22.17 -34.45
CA VAL B 116 -3.36 21.36 -33.29
C VAL B 116 -3.11 19.89 -33.63
N CYS B 117 -1.98 19.38 -33.17
CA CYS B 117 -1.70 17.97 -33.40
C CYS B 117 -1.77 17.34 -32.02
N SER B 118 -2.84 16.59 -31.78
CA SER B 118 -3.06 15.93 -30.50
C SER B 118 -2.45 14.54 -30.51
N VAL B 119 -1.48 14.31 -29.61
CA VAL B 119 -0.85 12.99 -29.53
C VAL B 119 -1.07 12.48 -28.13
N SER B 120 -1.88 11.42 -27.99
CA SER B 120 -2.17 10.91 -26.67
C SER B 120 -2.18 9.40 -26.45
N GLY B 121 -2.31 9.03 -25.18
CA GLY B 121 -2.36 7.64 -24.76
C GLY B 121 -1.15 6.78 -25.12
N PHE B 122 0.05 7.37 -25.19
CA PHE B 122 1.22 6.59 -25.56
C PHE B 122 2.23 6.32 -24.45
N TYR B 123 3.03 5.28 -24.67
CA TYR B 123 4.09 4.89 -23.75
C TYR B 123 5.15 4.19 -24.56
N PRO B 124 6.44 4.45 -24.28
CA PRO B 124 7.03 5.34 -23.28
C PRO B 124 6.80 6.81 -23.56
N GLY B 125 7.42 7.65 -22.73
CA GLY B 125 7.27 9.08 -22.86
C GLY B 125 8.09 9.74 -23.94
N SER B 126 9.23 9.16 -24.30
CA SER B 126 10.04 9.76 -25.35
C SER B 126 9.28 9.65 -26.65
N ILE B 127 9.11 10.78 -27.31
CA ILE B 127 8.36 10.82 -28.54
C ILE B 127 8.84 12.09 -29.24
N GLU B 128 8.72 12.10 -30.56
CA GLU B 128 9.17 13.25 -31.33
C GLU B 128 8.09 13.65 -32.32
N VAL B 129 7.58 14.87 -32.17
CA VAL B 129 6.54 15.36 -33.07
C VAL B 129 7.01 16.61 -33.79
N ARG B 130 6.91 16.61 -35.11
CA ARG B 130 7.32 17.75 -35.91
C ARG B 130 6.22 18.13 -36.90
N TRP B 131 6.27 19.38 -37.35
CA TRP B 131 5.30 19.87 -38.32
C TRP B 131 6.03 20.10 -39.64
N PHE B 132 5.36 19.81 -40.75
CA PHE B 132 5.95 20.01 -42.06
C PHE B 132 4.96 20.67 -43.00
N ARG B 133 5.40 21.73 -43.67
CA ARG B 133 4.57 22.43 -44.63
C ARG B 133 5.11 22.11 -46.01
N ASN B 134 4.38 21.28 -46.74
CA ASN B 134 4.78 20.87 -48.09
C ASN B 134 6.04 20.02 -48.05
N GLY B 135 6.13 19.15 -47.04
CA GLY B 135 7.28 18.27 -46.94
C GLY B 135 8.54 18.85 -46.33
N GLN B 136 8.48 20.03 -45.75
CA GLN B 136 9.68 20.59 -45.14
C GLN B 136 9.45 21.08 -43.71
N GLU B 137 10.31 20.60 -42.81
CA GLU B 137 10.26 20.94 -41.40
C GLU B 137 9.90 22.39 -41.14
N GLU B 138 9.12 22.61 -40.10
CA GLU B 138 8.70 23.95 -39.69
C GLU B 138 9.40 24.26 -38.36
N LYS B 139 10.25 25.27 -38.36
CA LYS B 139 10.97 25.63 -37.15
C LYS B 139 10.20 26.67 -36.35
N ALA B 140 9.94 27.83 -36.95
CA ALA B 140 9.22 28.89 -36.26
C ALA B 140 7.72 28.60 -36.20
N GLY B 141 7.02 29.33 -35.35
CA GLY B 141 5.59 29.16 -35.21
C GLY B 141 5.10 27.97 -34.41
N VAL B 142 5.98 26.99 -34.20
CA VAL B 142 5.61 25.81 -33.44
C VAL B 142 5.56 26.07 -31.95
N VAL B 143 4.55 25.53 -31.28
CA VAL B 143 4.41 25.71 -29.85
C VAL B 143 3.84 24.44 -29.20
N SER B 144 4.61 23.86 -28.29
CA SER B 144 4.19 22.65 -27.60
C SER B 144 3.75 22.88 -26.16
N THR B 145 2.89 21.99 -25.69
CA THR B 145 2.38 22.06 -24.33
C THR B 145 3.34 21.34 -23.41
N GLY B 146 4.22 20.54 -24.00
CA GLY B 146 5.16 19.78 -23.22
C GLY B 146 4.62 18.38 -22.97
N LEU B 147 5.52 17.45 -22.66
CA LEU B 147 5.13 16.07 -22.40
C LEU B 147 4.34 15.97 -21.10
N ILE B 148 3.14 15.43 -21.18
CA ILE B 148 2.31 15.27 -20.00
C ILE B 148 2.25 13.80 -19.58
N GLN B 149 2.65 13.54 -18.34
CA GLN B 149 2.64 12.17 -17.80
C GLN B 149 1.32 12.02 -17.05
N ASN B 150 0.46 11.12 -17.51
CA ASN B 150 -0.83 10.94 -16.88
C ASN B 150 -0.89 10.18 -15.57
N GLY B 151 0.23 9.60 -15.15
CA GLY B 151 0.23 8.87 -13.89
C GLY B 151 -0.32 7.46 -14.01
N ASP B 152 -0.72 7.07 -15.22
CA ASP B 152 -1.27 5.74 -15.44
C ASP B 152 -0.47 5.00 -16.51
N TRP B 153 0.81 5.33 -16.62
CA TRP B 153 1.71 4.73 -17.60
C TRP B 153 1.30 5.16 -19.01
N THR B 154 0.85 6.40 -19.11
CA THR B 154 0.42 6.95 -20.38
C THR B 154 0.86 8.40 -20.44
N PHE B 155 1.07 8.89 -21.65
CA PHE B 155 1.48 10.28 -21.82
C PHE B 155 0.63 10.97 -22.89
N GLN B 156 0.73 12.28 -22.96
CA GLN B 156 0.00 13.04 -23.95
C GLN B 156 0.69 14.38 -24.18
N THR B 157 0.39 14.99 -25.31
CA THR B 157 0.97 16.28 -25.66
C THR B 157 0.22 16.87 -26.84
N LEU B 158 0.23 18.20 -26.92
CA LEU B 158 -0.42 18.91 -28.01
C LEU B 158 0.64 19.79 -28.62
N VAL B 159 0.74 19.78 -29.95
CA VAL B 159 1.74 20.61 -30.61
C VAL B 159 1.12 21.46 -31.71
N MET B 160 0.95 22.74 -31.41
CA MET B 160 0.36 23.68 -32.35
C MET B 160 1.31 24.22 -33.39
N LEU B 161 0.73 24.72 -34.48
CA LEU B 161 1.48 25.30 -35.58
C LEU B 161 0.72 26.51 -36.11
N GLU B 162 1.17 27.69 -35.75
CA GLU B 162 0.55 28.91 -36.23
C GLU B 162 0.83 28.97 -37.73
N THR B 163 -0.19 29.25 -38.54
CA THR B 163 0.04 29.31 -39.99
C THR B 163 -0.78 30.34 -40.74
N VAL B 164 -0.27 30.69 -41.92
CA VAL B 164 -0.93 31.62 -42.83
C VAL B 164 -1.23 30.68 -44.00
N PRO B 165 -2.37 29.98 -43.91
CA PRO B 165 -2.87 29.00 -44.88
C PRO B 165 -3.14 29.54 -46.27
N ARG B 166 -2.69 28.78 -47.26
CA ARG B 166 -2.89 29.13 -48.66
C ARG B 166 -3.46 27.89 -49.33
N SER B 167 -4.68 28.01 -49.84
CA SER B 167 -5.35 26.90 -50.50
C SER B 167 -4.39 26.00 -51.25
N GLY B 168 -4.44 24.71 -50.96
CA GLY B 168 -3.56 23.77 -51.64
C GLY B 168 -2.38 23.30 -50.81
N GLU B 169 -2.02 24.07 -49.79
CA GLU B 169 -0.89 23.70 -48.93
C GLU B 169 -1.19 22.45 -48.12
N VAL B 170 -0.17 21.67 -47.83
CA VAL B 170 -0.33 20.44 -47.04
C VAL B 170 0.53 20.45 -45.79
N TYR B 171 -0.08 20.74 -44.65
CA TYR B 171 0.61 20.78 -43.37
C TYR B 171 0.56 19.40 -42.69
N THR B 172 1.70 18.74 -42.60
CA THR B 172 1.78 17.41 -42.01
C THR B 172 2.34 17.37 -40.60
N CYS B 173 1.69 16.62 -39.71
CA CYS B 173 2.16 16.46 -38.34
C CYS B 173 2.84 15.10 -38.33
N GLN B 174 4.10 15.07 -37.93
CA GLN B 174 4.83 13.82 -37.91
C GLN B 174 5.20 13.40 -36.50
N VAL B 175 4.95 12.14 -36.19
CA VAL B 175 5.23 11.59 -34.88
C VAL B 175 6.06 10.33 -34.96
N GLU B 176 7.21 10.35 -34.30
CA GLU B 176 8.09 9.20 -34.26
C GLU B 176 8.08 8.76 -32.81
N HIS B 177 7.88 7.46 -32.60
CA HIS B 177 7.78 6.92 -31.26
C HIS B 177 8.14 5.43 -31.28
N PRO B 178 8.80 4.96 -30.22
CA PRO B 178 9.24 3.57 -30.07
C PRO B 178 8.21 2.50 -30.43
N SER B 179 6.93 2.85 -30.32
CA SER B 179 5.88 1.89 -30.63
C SER B 179 5.74 1.58 -32.11
N VAL B 180 6.33 2.41 -32.97
CA VAL B 180 6.23 2.17 -34.41
C VAL B 180 7.52 2.37 -35.18
N THR B 181 7.77 1.44 -36.10
CA THR B 181 8.95 1.44 -36.96
C THR B 181 9.00 2.68 -37.84
N SER B 182 7.91 2.96 -38.54
CA SER B 182 7.86 4.12 -39.41
C SER B 182 7.00 5.20 -38.78
N PRO B 183 7.37 6.47 -38.98
CA PRO B 183 6.63 7.60 -38.41
C PRO B 183 5.15 7.64 -38.74
N LEU B 184 4.40 8.28 -37.86
CA LEU B 184 2.97 8.44 -38.04
C LEU B 184 2.76 9.82 -38.60
N THR B 185 1.93 9.92 -39.65
CA THR B 185 1.66 11.21 -40.27
C THR B 185 0.16 11.48 -40.37
N VAL B 186 -0.22 12.73 -40.17
CA VAL B 186 -1.60 13.16 -40.25
C VAL B 186 -1.56 14.53 -40.90
N GLU B 187 -2.20 14.64 -42.07
CA GLU B 187 -2.18 15.88 -42.83
C GLU B 187 -3.39 16.80 -42.71
N TRP B 188 -3.11 18.08 -42.82
CA TRP B 188 -4.16 19.08 -42.81
C TRP B 188 -4.11 19.65 -44.21
N ARG B 189 -5.23 19.61 -44.92
CA ARG B 189 -5.26 20.13 -46.28
C ARG B 189 -5.85 21.53 -46.27
N ALA B 190 -5.01 22.51 -46.62
CA ALA B 190 -5.44 23.90 -46.66
C ALA B 190 -6.36 24.11 -47.86
N GLY C 1 4.94 -14.18 -10.80
CA GLY C 1 6.09 -13.82 -11.68
C GLY C 1 7.42 -13.76 -10.95
N GLU C 2 8.43 -13.19 -11.62
CA GLU C 2 9.79 -13.06 -11.07
C GLU C 2 9.81 -12.08 -9.88
N LEU C 3 10.64 -12.37 -8.87
CA LEU C 3 10.69 -11.54 -7.67
C LEU C 3 11.52 -10.26 -7.73
N ILE C 4 10.87 -9.14 -7.42
CA ILE C 4 11.54 -7.86 -7.36
C ILE C 4 12.17 -7.77 -5.98
N GLY C 5 13.48 -7.55 -5.98
CA GLY C 5 14.20 -7.49 -4.71
C GLY C 5 14.10 -6.15 -4.03
N ILE C 6 14.09 -6.17 -2.47
CA ILE C 6 13.99 -4.93 -1.74
C ILE C 6 15.34 -4.53 -1.16
N LEU C 7 15.74 -3.53 -0.74
CA LEU C 7 16.96 -3.14 -0.04
C LEU C 7 16.47 -2.78 1.36
N ASN C 8 17.07 -3.36 2.38
CA ASN C 8 16.64 -3.09 3.76
C ASN C 8 17.02 -1.73 4.29
N ALA C 9 16.09 -1.09 4.99
CA ALA C 9 16.34 0.23 5.57
C ALA C 9 17.40 0.11 6.66
N ALA C 10 18.29 1.09 6.73
CA ALA C 10 19.36 1.07 7.74
C ALA C 10 18.92 1.85 8.97
N LYS C 11 19.08 1.25 10.14
CA LYS C 11 18.71 1.91 11.40
C LYS C 11 19.75 3.01 11.70
N VAL C 12 19.31 4.24 12.01
CA VAL C 12 20.28 5.30 12.33
C VAL C 12 20.74 5.07 13.78
N PRO C 13 21.89 5.64 14.17
CA PRO C 13 22.39 5.48 15.53
C PRO C 13 21.40 5.94 16.61
N ALA C 14 21.28 5.17 17.67
CA ALA C 14 20.36 5.45 18.78
C ALA C 14 20.68 6.73 19.54
N ASP C 15 19.70 7.27 20.26
CA ASP C 15 19.88 8.51 21.06
C ASP C 15 20.79 8.27 22.27
N GLU D 1 -27.94 -9.97 7.66
CA GLU D 1 -28.24 -11.37 8.09
C GLU D 1 -26.97 -12.06 8.58
N SER D 2 -27.09 -13.33 8.94
CA SER D 2 -25.93 -14.09 9.41
C SER D 2 -25.17 -14.69 8.22
N GLN D 3 -23.91 -15.01 8.45
CA GLN D 3 -23.05 -15.58 7.42
C GLN D 3 -23.45 -17.00 7.02
N PRO D 4 -23.61 -17.23 5.70
CA PRO D 4 -23.98 -18.52 5.12
C PRO D 4 -22.97 -19.61 5.44
N ASP D 5 -23.44 -20.73 5.97
CA ASP D 5 -22.55 -21.84 6.30
C ASP D 5 -21.78 -22.24 5.04
N PRO D 6 -20.57 -22.77 5.21
CA PRO D 6 -19.74 -23.18 4.09
C PRO D 6 -20.10 -24.47 3.38
N MET D 7 -19.90 -24.46 2.06
CA MET D 7 -20.13 -25.63 1.22
C MET D 7 -18.72 -26.21 1.09
N PRO D 8 -18.59 -27.52 0.86
CA PRO D 8 -17.25 -28.11 0.73
C PRO D 8 -16.26 -27.26 -0.08
N ASP D 9 -16.73 -26.71 -1.20
CA ASP D 9 -15.85 -25.89 -2.04
C ASP D 9 -15.44 -24.59 -1.32
N ASP D 10 -16.14 -24.27 -0.24
CA ASP D 10 -15.86 -23.06 0.54
C ASP D 10 -14.75 -23.23 1.57
N LEU D 11 -14.43 -24.48 1.92
CA LEU D 11 -13.42 -24.74 2.93
C LEU D 11 -12.05 -25.17 2.43
N HIS D 12 -11.02 -24.82 3.19
CA HIS D 12 -9.64 -25.16 2.87
C HIS D 12 -9.43 -26.66 3.09
N LYS D 13 -8.74 -27.32 2.18
CA LYS D 13 -8.46 -28.74 2.34
C LYS D 13 -7.02 -28.92 2.80
N SER D 14 -6.81 -29.65 3.89
CA SER D 14 -5.46 -29.86 4.39
C SER D 14 -4.66 -30.61 3.35
N SER D 15 -5.34 -31.48 2.58
CA SER D 15 -4.67 -32.25 1.55
C SER D 15 -4.10 -31.33 0.49
N GLU D 16 -4.55 -30.07 0.47
CA GLU D 16 -4.04 -29.10 -0.52
C GLU D 16 -2.99 -28.21 0.12
N PHE D 17 -2.65 -28.51 1.37
CA PHE D 17 -1.63 -27.75 2.10
C PHE D 17 -0.36 -28.60 2.10
N THR D 18 0.71 -28.05 1.54
CA THR D 18 1.99 -28.74 1.43
C THR D 18 2.98 -28.41 2.53
N GLY D 19 2.77 -27.27 3.18
CA GLY D 19 3.67 -26.83 4.23
C GLY D 19 3.67 -27.69 5.48
N THR D 20 4.04 -27.07 6.59
CA THR D 20 4.11 -27.76 7.87
C THR D 20 2.95 -27.38 8.77
N MET D 21 2.04 -28.33 8.98
CA MET D 21 0.87 -28.13 9.81
C MET D 21 1.27 -27.68 11.21
N GLY D 22 2.51 -27.98 11.59
CA GLY D 22 2.97 -27.61 12.91
C GLY D 22 2.93 -26.11 13.13
N ASN D 23 3.07 -25.35 12.05
CA ASN D 23 3.04 -23.90 12.16
C ASN D 23 1.63 -23.40 12.44
N MET D 24 0.63 -24.25 12.21
CA MET D 24 -0.75 -23.89 12.49
C MET D 24 -1.00 -24.35 13.93
N LYS D 25 -0.50 -25.55 14.25
CA LYS D 25 -0.65 -26.08 15.59
C LYS D 25 -0.08 -25.07 16.58
N TYR D 26 1.09 -24.54 16.24
CA TYR D 26 1.79 -23.56 17.06
C TYR D 26 0.93 -22.42 17.56
N LEU D 27 0.00 -21.96 16.73
CA LEU D 27 -0.87 -20.84 17.08
C LEU D 27 -1.94 -21.18 18.11
N TYR D 28 -2.24 -22.46 18.26
CA TYR D 28 -3.28 -22.81 19.21
C TYR D 28 -2.87 -23.80 20.30
N ASP D 29 -1.62 -24.23 20.30
CA ASP D 29 -1.19 -25.18 21.30
C ASP D 29 -0.60 -24.51 22.53
N ASP D 30 -1.45 -24.26 23.53
CA ASP D 30 -1.01 -23.62 24.77
C ASP D 30 -0.24 -22.37 24.35
N HIS D 31 -0.80 -21.66 23.39
CA HIS D 31 -0.21 -20.47 22.83
C HIS D 31 -1.21 -19.31 22.87
N TYR D 32 -0.87 -18.23 23.57
CA TYR D 32 -1.76 -17.07 23.63
C TYR D 32 -1.22 -15.92 24.48
N VAL D 33 -1.71 -14.71 24.19
CA VAL D 33 -1.34 -13.52 24.93
C VAL D 33 -2.51 -13.21 25.85
N SER D 34 -2.22 -12.99 27.13
CA SER D 34 -3.27 -12.67 28.08
C SER D 34 -2.86 -11.58 29.05
N ALA D 35 -3.74 -10.60 29.21
CA ALA D 35 -3.49 -9.50 30.11
C ALA D 35 -4.79 -8.95 30.67
N THR D 36 -4.73 -8.47 31.92
CA THR D 36 -5.89 -7.92 32.60
C THR D 36 -5.63 -6.49 33.10
N LYS D 37 -6.63 -5.62 32.93
CA LYS D 37 -6.53 -4.23 33.35
C LYS D 37 -5.27 -3.52 32.84
N VAL D 38 -5.21 -3.31 31.53
CA VAL D 38 -4.07 -2.63 30.91
C VAL D 38 -4.61 -1.58 29.93
N LYS D 39 -3.75 -0.65 29.54
CA LYS D 39 -4.15 0.39 28.59
C LYS D 39 -3.06 0.57 27.55
N SER D 40 -3.46 0.74 26.29
CA SER D 40 -2.50 0.91 25.22
C SER D 40 -1.54 2.03 25.60
N VAL D 41 -0.28 1.87 25.19
CA VAL D 41 0.75 2.87 25.50
C VAL D 41 1.40 3.41 24.24
N ASP D 42 0.97 2.91 23.08
CA ASP D 42 1.56 3.35 21.83
C ASP D 42 0.71 2.85 20.66
N SER D 43 1.15 3.17 19.44
CA SER D 43 0.43 2.75 18.25
C SER D 43 1.33 2.94 17.04
N PHE D 44 1.48 1.90 16.24
CA PHE D 44 2.32 1.97 15.06
C PHE D 44 1.53 2.63 13.93
N PHE D 45 0.45 1.99 13.52
CA PHE D 45 -0.40 2.57 12.49
C PHE D 45 -1.73 2.94 13.16
N LYS D 46 -2.53 3.79 12.50
CA LYS D 46 -3.80 4.24 13.03
C LYS D 46 -4.72 3.14 13.52
N TRP D 47 -4.63 1.96 12.93
CA TRP D 47 -5.53 0.87 13.31
C TRP D 47 -5.02 -0.10 14.33
N ASP D 48 -3.85 0.14 14.92
CA ASP D 48 -3.36 -0.80 15.91
C ASP D 48 -3.04 -0.14 17.24
N LEU D 49 -2.93 -0.97 18.27
CA LEU D 49 -2.59 -0.50 19.61
C LEU D 49 -1.47 -1.36 20.16
N ILE D 50 -0.55 -0.72 20.86
CA ILE D 50 0.59 -1.41 21.46
C ILE D 50 0.43 -1.42 22.98
N TYR D 51 0.67 -2.58 23.59
CA TYR D 51 0.55 -2.70 25.05
C TYR D 51 1.79 -3.26 25.71
N ASN D 52 1.97 -2.90 26.98
CA ASN D 52 3.09 -3.42 27.74
C ASN D 52 2.61 -4.68 28.47
N ILE D 53 2.73 -5.81 27.77
CA ILE D 53 2.33 -7.11 28.30
C ILE D 53 3.56 -8.01 28.22
N SER D 54 4.02 -8.51 29.37
CA SER D 54 5.20 -9.37 29.36
C SER D 54 4.85 -10.83 29.21
N ASP D 55 5.79 -11.58 28.64
CA ASP D 55 5.62 -13.02 28.44
C ASP D 55 5.86 -13.69 29.78
N LYS D 56 4.77 -13.93 30.52
CA LYS D 56 4.84 -14.56 31.83
C LYS D 56 5.70 -15.83 31.73
N LYS D 57 5.36 -16.67 30.75
CA LYS D 57 6.05 -17.93 30.51
C LYS D 57 7.57 -17.86 30.34
N LEU D 58 8.03 -17.81 29.09
CA LEU D 58 9.47 -17.78 28.79
C LEU D 58 10.12 -16.43 28.57
N LYS D 59 9.47 -15.34 28.99
CA LYS D 59 10.04 -14.02 28.82
C LYS D 59 10.48 -13.75 27.37
N ASN D 60 9.62 -14.05 26.41
CA ASN D 60 9.95 -13.82 24.99
C ASN D 60 9.52 -12.47 24.45
N TYR D 61 8.91 -11.64 25.30
CA TYR D 61 8.45 -10.33 24.86
C TYR D 61 7.87 -9.52 26.00
N ASP D 62 7.83 -8.21 25.82
CA ASP D 62 7.24 -7.33 26.83
C ASP D 62 6.47 -6.22 26.15
N LYS D 63 6.35 -6.32 24.83
CA LYS D 63 5.60 -5.36 24.02
C LYS D 63 4.71 -6.18 23.10
N VAL D 64 3.46 -5.77 22.96
CA VAL D 64 2.52 -6.48 22.10
C VAL D 64 1.68 -5.53 21.27
N LYS D 65 1.75 -5.68 19.96
CA LYS D 65 0.95 -4.85 19.08
C LYS D 65 -0.23 -5.69 18.58
N THR D 66 -1.44 -5.17 18.72
CA THR D 66 -2.58 -5.89 18.20
C THR D 66 -3.17 -5.04 17.07
N GLU D 67 -3.35 -5.64 15.91
CA GLU D 67 -3.93 -4.88 14.80
C GLU D 67 -5.43 -5.05 14.72
N LEU D 68 -6.13 -3.94 14.48
CA LEU D 68 -7.59 -3.95 14.40
C LEU D 68 -8.04 -3.69 12.96
N LEU D 69 -9.30 -4.01 12.69
CA LEU D 69 -9.87 -3.86 11.37
C LEU D 69 -9.83 -2.45 10.79
N ASN D 70 -9.88 -1.45 11.65
CA ASN D 70 -9.86 -0.06 11.19
C ASN D 70 -9.50 0.94 12.28
N GLU D 71 -9.43 2.21 11.90
CA GLU D 71 -9.08 3.27 12.84
C GLU D 71 -10.11 3.49 13.94
N ASP D 72 -11.38 3.60 13.58
CA ASP D 72 -12.41 3.84 14.59
C ASP D 72 -12.31 2.80 15.69
N LEU D 73 -12.10 1.57 15.28
CA LEU D 73 -12.00 0.46 16.22
C LEU D 73 -10.84 0.67 17.18
N ALA D 74 -9.72 1.18 16.67
CA ALA D 74 -8.55 1.43 17.51
C ALA D 74 -8.77 2.68 18.36
N LYS D 75 -9.47 3.66 17.81
CA LYS D 75 -9.75 4.88 18.55
C LYS D 75 -10.62 4.51 19.75
N LYS D 76 -11.51 3.54 19.55
CA LYS D 76 -12.40 3.12 20.60
C LYS D 76 -11.72 2.60 21.86
N TYR D 77 -10.72 1.74 21.70
CA TYR D 77 -10.05 1.18 22.88
C TYR D 77 -8.73 1.83 23.29
N LYS D 78 -8.27 2.80 22.50
CA LYS D 78 -7.01 3.48 22.77
C LYS D 78 -6.81 3.93 24.21
N ASP D 79 -7.80 4.60 24.78
CA ASP D 79 -7.64 5.08 26.14
C ASP D 79 -8.42 4.31 27.18
N GLU D 80 -9.01 3.19 26.79
CA GLU D 80 -9.78 2.40 27.73
C GLU D 80 -8.94 1.40 28.50
N VAL D 81 -9.43 0.99 29.67
CA VAL D 81 -8.76 -0.02 30.48
C VAL D 81 -9.37 -1.28 29.88
N VAL D 82 -8.53 -2.21 29.43
CA VAL D 82 -9.08 -3.41 28.81
C VAL D 82 -8.38 -4.70 29.16
N ASP D 83 -8.97 -5.80 28.70
CA ASP D 83 -8.39 -7.12 28.87
C ASP D 83 -7.98 -7.54 27.46
N VAL D 84 -6.98 -8.41 27.36
CA VAL D 84 -6.51 -8.87 26.06
C VAL D 84 -6.36 -10.38 26.05
N TYR D 85 -6.68 -10.98 24.92
CA TYR D 85 -6.56 -12.43 24.75
C TYR D 85 -6.60 -12.67 23.27
N GLY D 86 -5.60 -13.37 22.76
CA GLY D 86 -5.57 -13.66 21.35
C GLY D 86 -4.35 -14.49 21.04
N SER D 87 -4.22 -14.90 19.78
CA SER D 87 -3.09 -15.71 19.38
C SER D 87 -2.03 -14.85 18.70
N ASN D 88 -0.85 -14.77 19.30
CA ASN D 88 0.23 -13.95 18.76
C ASN D 88 1.14 -14.68 17.79
N TYR D 89 1.87 -13.90 16.99
CA TYR D 89 2.81 -14.46 16.03
C TYR D 89 4.09 -13.63 16.09
N TYR D 90 5.18 -14.17 15.57
CA TYR D 90 6.44 -13.45 15.55
C TYR D 90 6.97 -13.27 14.14
N VAL D 91 6.73 -14.26 13.30
CA VAL D 91 7.20 -14.18 11.92
C VAL D 91 6.52 -13.02 11.22
N ASN D 92 7.31 -12.05 10.78
CA ASN D 92 6.79 -10.87 10.12
C ASN D 92 5.97 -9.98 11.06
N CYS D 93 6.43 -9.86 12.31
CA CYS D 93 5.80 -9.00 13.31
C CYS D 93 6.69 -7.76 13.33
N TYR D 94 6.13 -6.62 12.95
CA TYR D 94 6.90 -5.38 12.91
C TYR D 94 6.20 -4.19 13.50
N PHE D 95 6.99 -3.33 14.13
CA PHE D 95 6.52 -2.08 14.69
C PHE D 95 7.66 -1.42 15.43
N SER D 96 7.66 -0.09 15.43
CA SER D 96 8.69 0.71 16.04
C SER D 96 8.59 0.82 17.56
N SER D 97 7.56 1.50 18.05
CA SER D 97 7.33 1.69 19.50
C SER D 97 8.11 2.83 20.15
N LYS D 98 7.35 3.83 20.60
CA LYS D 98 7.80 5.06 21.27
C LYS D 98 7.47 6.27 20.40
N GLY D 107 11.59 -7.93 24.00
CA GLY D 107 11.12 -8.52 22.72
C GLY D 107 9.73 -8.07 22.33
N LYS D 108 9.36 -8.34 21.08
CA LYS D 108 8.04 -7.95 20.59
C LYS D 108 7.27 -9.11 19.98
N THR D 109 5.95 -8.99 19.98
CA THR D 109 5.09 -10.00 19.39
C THR D 109 3.86 -9.30 18.84
N CYS D 110 3.12 -9.97 17.96
CA CYS D 110 1.95 -9.35 17.36
C CYS D 110 0.71 -10.22 17.40
N MET D 111 -0.45 -9.60 17.14
CA MET D 111 -1.73 -10.30 17.12
C MET D 111 -2.79 -9.39 16.47
N TYR D 112 -4.05 -9.83 16.50
CA TYR D 112 -5.15 -9.05 15.95
C TYR D 112 -6.34 -9.10 16.90
N GLY D 113 -7.12 -8.03 16.94
CA GLY D 113 -8.28 -7.97 17.82
C GLY D 113 -7.92 -8.37 19.24
N GLY D 114 -8.76 -9.19 19.86
CA GLY D 114 -8.49 -9.66 21.21
C GLY D 114 -8.73 -8.70 22.36
N ILE D 115 -9.30 -7.53 22.08
CA ILE D 115 -9.54 -6.54 23.13
C ILE D 115 -10.98 -6.51 23.65
N THR D 116 -11.13 -6.39 24.97
CA THR D 116 -12.43 -6.30 25.61
C THR D 116 -12.35 -5.29 26.74
N LYS D 117 -13.37 -4.45 26.87
CA LYS D 117 -13.41 -3.47 27.96
C LYS D 117 -13.35 -4.29 29.23
N HIS D 118 -12.58 -3.85 30.22
CA HIS D 118 -12.48 -4.58 31.48
C HIS D 118 -13.56 -4.18 32.49
N GLU D 119 -13.98 -2.92 32.42
CA GLU D 119 -14.98 -2.40 33.35
C GLU D 119 -16.30 -3.16 33.29
N GLY D 120 -16.63 -3.83 34.38
CA GLY D 120 -17.87 -4.58 34.46
C GLY D 120 -18.10 -5.62 33.39
N ASN D 121 -17.10 -6.47 33.17
CA ASN D 121 -17.22 -7.51 32.16
C ASN D 121 -16.70 -8.81 32.76
N HIS D 122 -16.54 -8.79 34.07
CA HIS D 122 -16.06 -9.96 34.80
C HIS D 122 -17.16 -10.49 35.74
N PHE D 123 -16.89 -11.62 36.38
CA PHE D 123 -17.85 -12.21 37.32
C PHE D 123 -17.38 -12.06 38.75
N ASP D 124 -18.23 -11.45 39.58
CA ASP D 124 -17.91 -11.19 40.99
C ASP D 124 -17.61 -12.40 41.87
N ASN D 125 -16.44 -13.00 41.69
CA ASN D 125 -16.01 -14.15 42.49
C ASN D 125 -14.95 -15.01 41.83
N GLY D 126 -14.36 -14.51 40.74
CA GLY D 126 -13.37 -15.30 40.04
C GLY D 126 -14.10 -16.43 39.35
N ASN D 127 -15.42 -16.25 39.25
CA ASN D 127 -16.30 -17.22 38.62
C ASN D 127 -16.16 -17.23 37.11
N LEU D 128 -15.93 -18.41 36.57
CA LEU D 128 -15.79 -18.56 35.13
C LEU D 128 -17.12 -18.97 34.52
N GLN D 129 -17.29 -18.68 33.23
CA GLN D 129 -18.50 -19.02 32.51
C GLN D 129 -18.19 -20.13 31.52
N ASN D 130 -19.00 -21.19 31.51
CA ASN D 130 -18.78 -22.29 30.58
C ASN D 130 -19.51 -22.03 29.27
N VAL D 131 -18.90 -22.47 28.18
CA VAL D 131 -19.51 -22.30 26.88
C VAL D 131 -19.48 -23.65 26.19
N LEU D 132 -20.64 -24.04 25.67
CA LEU D 132 -20.79 -25.32 25.01
C LEU D 132 -20.09 -25.41 23.67
N VAL D 133 -19.44 -26.54 23.46
CA VAL D 133 -18.76 -26.83 22.22
C VAL D 133 -19.15 -28.24 21.81
N ARG D 134 -19.79 -28.36 20.65
CA ARG D 134 -20.17 -29.67 20.15
C ARG D 134 -19.35 -29.93 18.90
N VAL D 135 -18.66 -31.06 18.90
CA VAL D 135 -17.80 -31.43 17.79
C VAL D 135 -18.45 -32.40 16.83
N TYR D 136 -18.44 -32.05 15.55
CA TYR D 136 -19.01 -32.91 14.55
C TYR D 136 -17.94 -33.44 13.60
N GLU D 137 -17.89 -34.75 13.45
CA GLU D 137 -16.95 -35.38 12.55
C GLU D 137 -17.82 -36.04 11.49
N ASN D 138 -17.66 -35.60 10.25
CA ASN D 138 -18.44 -36.12 9.14
C ASN D 138 -19.93 -35.99 9.41
N LYS D 139 -20.34 -34.80 9.80
CA LYS D 139 -21.73 -34.48 10.09
C LYS D 139 -22.35 -35.11 11.33
N ARG D 140 -21.56 -35.83 12.12
CA ARG D 140 -22.09 -36.45 13.33
C ARG D 140 -21.41 -35.99 14.61
N ASN D 141 -22.21 -35.60 15.58
CA ASN D 141 -21.70 -35.15 16.87
C ASN D 141 -20.89 -36.28 17.51
N THR D 142 -19.58 -36.12 17.60
CA THR D 142 -18.72 -37.14 18.21
C THR D 142 -18.48 -36.90 19.68
N ILE D 143 -18.08 -35.68 20.02
CA ILE D 143 -17.85 -35.33 21.42
C ILE D 143 -18.36 -33.93 21.68
N SER D 144 -18.64 -33.66 22.95
CA SER D 144 -19.13 -32.36 23.37
C SER D 144 -18.41 -32.00 24.65
N PHE D 145 -18.13 -30.71 24.82
CA PHE D 145 -17.45 -30.24 26.01
C PHE D 145 -17.65 -28.74 26.16
N GLU D 146 -16.96 -28.17 27.13
CA GLU D 146 -17.07 -26.75 27.39
C GLU D 146 -15.71 -26.08 27.56
N VAL D 147 -15.64 -24.80 27.21
CA VAL D 147 -14.44 -24.02 27.38
C VAL D 147 -14.86 -22.98 28.40
N GLN D 148 -13.91 -22.35 29.07
CA GLN D 148 -14.27 -21.34 30.07
C GLN D 148 -13.67 -19.98 29.78
N THR D 149 -14.32 -18.95 30.28
CA THR D 149 -13.84 -17.59 30.13
C THR D 149 -14.23 -16.80 31.36
N ASP D 150 -13.47 -15.76 31.65
CA ASP D 150 -13.73 -14.93 32.81
C ASP D 150 -14.48 -13.67 32.40
N LYS D 151 -14.86 -13.61 31.13
CA LYS D 151 -15.57 -12.45 30.59
C LYS D 151 -17.05 -12.69 30.27
N LYS D 152 -17.86 -11.65 30.45
CA LYS D 152 -19.30 -11.73 30.15
C LYS D 152 -19.42 -11.61 28.65
N SER D 153 -18.75 -10.61 28.10
CA SER D 153 -18.72 -10.39 26.66
C SER D 153 -17.28 -10.78 26.29
N VAL D 154 -17.11 -11.85 25.53
CA VAL D 154 -15.78 -12.32 25.16
C VAL D 154 -15.55 -12.34 23.66
N THR D 155 -14.29 -12.26 23.23
CA THR D 155 -14.00 -12.28 21.79
C THR D 155 -14.15 -13.71 21.32
N ALA D 156 -14.61 -13.85 20.07
CA ALA D 156 -14.75 -15.17 19.48
C ALA D 156 -13.35 -15.77 19.51
N GLN D 157 -12.37 -14.93 19.20
CA GLN D 157 -10.98 -15.37 19.18
C GLN D 157 -10.62 -16.18 20.41
N GLU D 158 -10.87 -15.62 21.60
CA GLU D 158 -10.55 -16.32 22.83
C GLU D 158 -11.20 -17.70 22.92
N LEU D 159 -12.49 -17.78 22.62
CA LEU D 159 -13.19 -19.05 22.70
C LEU D 159 -12.58 -20.00 21.68
N ASP D 160 -12.47 -19.53 20.44
CA ASP D 160 -11.90 -20.34 19.36
C ASP D 160 -10.61 -20.97 19.84
N ILE D 161 -9.65 -20.12 20.20
CA ILE D 161 -8.36 -20.57 20.68
C ILE D 161 -8.52 -21.67 21.72
N LYS D 162 -9.32 -21.42 22.74
CA LYS D 162 -9.52 -22.40 23.79
C LYS D 162 -10.12 -23.69 23.26
N ALA D 163 -11.00 -23.57 22.27
CA ALA D 163 -11.61 -24.74 21.69
C ALA D 163 -10.55 -25.58 20.98
N ARG D 164 -9.79 -24.94 20.11
CA ARG D 164 -8.76 -25.65 19.36
C ARG D 164 -7.64 -26.23 20.23
N ASN D 165 -7.30 -25.54 21.33
CA ASN D 165 -6.24 -26.05 22.19
C ASN D 165 -6.70 -27.42 22.68
N PHE D 166 -7.96 -27.48 23.12
CA PHE D 166 -8.54 -28.72 23.61
C PHE D 166 -8.49 -29.81 22.55
N LEU D 167 -8.98 -29.52 21.35
CA LEU D 167 -9.00 -30.49 20.26
C LEU D 167 -7.63 -30.94 19.77
N ILE D 168 -6.63 -30.10 19.94
CA ILE D 168 -5.28 -30.45 19.52
C ILE D 168 -4.80 -31.58 20.42
N ASN D 169 -5.12 -31.47 21.70
CA ASN D 169 -4.72 -32.45 22.68
C ASN D 169 -5.58 -33.70 22.70
N LYS D 170 -6.89 -33.53 22.53
CA LYS D 170 -7.77 -34.67 22.61
C LYS D 170 -8.13 -35.35 21.30
N LYS D 171 -7.86 -34.68 20.17
CA LYS D 171 -8.18 -35.27 18.87
C LYS D 171 -7.09 -35.06 17.84
N ASN D 172 -5.96 -34.52 18.27
CA ASN D 172 -4.84 -34.26 17.36
C ASN D 172 -5.31 -33.42 16.18
N LEU D 173 -6.10 -32.38 16.48
CA LEU D 173 -6.62 -31.49 15.44
C LEU D 173 -5.52 -31.11 14.47
N TYR D 174 -4.35 -30.77 15.01
CA TYR D 174 -3.20 -30.43 14.18
C TYR D 174 -2.01 -31.25 14.66
N GLU D 175 -1.18 -31.69 13.74
CA GLU D 175 0.02 -32.44 14.09
C GLU D 175 1.21 -31.75 13.45
N PHE D 176 2.43 -32.22 13.73
CA PHE D 176 3.61 -31.58 13.16
C PHE D 176 3.49 -31.44 11.66
N ASN D 177 3.30 -32.54 10.96
CA ASN D 177 3.13 -32.44 9.53
C ASN D 177 1.82 -33.09 9.12
N SER D 178 0.84 -32.20 8.91
CA SER D 178 -0.53 -32.51 8.51
C SER D 178 -1.49 -32.80 9.66
N SER D 179 -2.76 -33.03 9.29
CA SER D 179 -3.82 -33.30 10.25
C SER D 179 -4.68 -34.49 9.85
N PRO D 180 -5.35 -35.11 10.83
CA PRO D 180 -6.21 -36.27 10.59
C PRO D 180 -7.46 -35.84 9.81
N TYR D 181 -7.81 -34.56 9.92
CA TYR D 181 -8.98 -34.06 9.23
C TYR D 181 -8.65 -33.32 7.95
N GLU D 182 -9.57 -33.36 6.99
CA GLU D 182 -9.40 -32.71 5.70
C GLU D 182 -9.90 -31.26 5.73
N THR D 183 -11.07 -31.04 6.32
CA THR D 183 -11.62 -29.70 6.43
C THR D 183 -12.17 -29.50 7.84
N GLY D 184 -12.32 -28.24 8.24
CA GLY D 184 -12.84 -27.96 9.55
C GLY D 184 -13.11 -26.49 9.73
N TYR D 185 -14.25 -26.18 10.33
CA TYR D 185 -14.61 -24.81 10.60
C TYR D 185 -15.23 -24.76 11.97
N ILE D 186 -15.13 -23.62 12.61
CA ILE D 186 -15.71 -23.48 13.92
C ILE D 186 -16.81 -22.46 13.76
N LYS D 187 -18.03 -22.88 14.06
CA LYS D 187 -19.19 -22.02 13.92
C LYS D 187 -19.70 -21.53 15.25
N PHE D 188 -20.00 -20.23 15.28
CA PHE D 188 -20.52 -19.58 16.48
C PHE D 188 -22.02 -19.28 16.31
N ILE D 189 -22.79 -19.57 17.35
CA ILE D 189 -24.21 -19.32 17.31
C ILE D 189 -24.59 -18.39 18.45
N GLU D 190 -25.06 -17.21 18.10
CA GLU D 190 -25.45 -16.24 19.11
C GLU D 190 -26.93 -16.38 19.47
N ASN D 191 -27.27 -16.01 20.70
CA ASN D 191 -28.63 -16.13 21.19
C ASN D 191 -29.70 -15.40 20.39
N ASN D 192 -29.31 -14.56 19.44
CA ASN D 192 -30.29 -13.88 18.62
C ASN D 192 -30.33 -14.54 17.25
N GLY D 193 -29.83 -15.77 17.20
CA GLY D 193 -29.82 -16.51 15.95
C GLY D 193 -28.72 -16.18 14.95
N ASN D 194 -27.93 -15.15 15.21
CA ASN D 194 -26.86 -14.82 14.27
C ASN D 194 -25.69 -15.78 14.38
N THR D 195 -25.19 -16.23 13.23
CA THR D 195 -24.05 -17.14 13.20
C THR D 195 -22.95 -16.68 12.24
N PHE D 196 -21.74 -17.16 12.51
CA PHE D 196 -20.56 -16.85 11.71
C PHE D 196 -19.55 -17.96 12.00
N TRP D 197 -18.62 -18.18 11.09
CA TRP D 197 -17.63 -19.24 11.25
C TRP D 197 -16.24 -18.87 10.72
N TYR D 198 -15.25 -19.64 11.18
CA TYR D 198 -13.86 -19.44 10.78
C TYR D 198 -13.35 -20.75 10.23
N ASP D 199 -12.54 -20.67 9.17
CA ASP D 199 -11.95 -21.87 8.58
C ASP D 199 -10.80 -22.24 9.50
N MET D 200 -10.70 -23.51 9.86
CA MET D 200 -9.64 -23.94 10.76
C MET D 200 -8.40 -24.49 10.04
N MET D 201 -8.48 -24.63 8.73
CA MET D 201 -7.35 -25.15 7.97
C MET D 201 -6.62 -24.05 7.22
N PRO D 202 -5.31 -24.23 7.02
CA PRO D 202 -4.48 -23.25 6.31
C PRO D 202 -4.83 -23.14 4.84
N ALA D 203 -4.54 -21.98 4.26
CA ALA D 203 -4.80 -21.75 2.86
C ALA D 203 -3.97 -22.74 2.03
N PRO D 204 -4.45 -23.10 0.83
CA PRO D 204 -3.68 -24.04 0.00
C PRO D 204 -2.32 -23.48 -0.39
N GLY D 205 -1.36 -24.37 -0.58
CA GLY D 205 -0.02 -23.94 -0.94
C GLY D 205 1.02 -24.66 -0.11
N ASP D 206 2.27 -24.23 -0.21
CA ASP D 206 3.36 -24.86 0.54
C ASP D 206 3.90 -24.08 1.75
N LYS D 207 3.32 -22.92 2.05
CA LYS D 207 3.79 -22.15 3.19
C LYS D 207 2.63 -21.55 3.95
N PHE D 208 2.57 -21.81 5.24
CA PHE D 208 1.49 -21.27 6.04
C PHE D 208 1.89 -19.87 6.49
N ASP D 209 1.07 -18.88 6.15
CA ASP D 209 1.32 -17.50 6.54
C ASP D 209 0.51 -17.22 7.80
N GLN D 210 1.14 -17.40 8.96
CA GLN D 210 0.50 -17.19 10.25
C GLN D 210 -0.15 -15.82 10.41
N SER D 211 0.60 -14.76 10.10
CA SER D 211 0.10 -13.40 10.24
C SER D 211 -1.15 -13.16 9.41
N LYS D 212 -1.11 -13.60 8.15
CA LYS D 212 -2.24 -13.40 7.25
C LYS D 212 -3.46 -14.18 7.72
N TYR D 213 -3.23 -15.38 8.24
CA TYR D 213 -4.33 -16.21 8.71
C TYR D 213 -4.99 -15.57 9.95
N LEU D 214 -4.18 -15.22 10.94
CA LEU D 214 -4.69 -14.63 12.17
C LEU D 214 -5.40 -13.30 11.96
N MET D 215 -5.14 -12.66 10.81
CA MET D 215 -5.76 -11.37 10.53
C MET D 215 -7.30 -11.44 10.61
N MET D 216 -7.85 -12.64 10.50
CA MET D 216 -9.31 -12.78 10.53
C MET D 216 -9.93 -12.32 11.86
N TYR D 217 -9.16 -12.39 12.95
CA TYR D 217 -9.62 -11.97 14.27
C TYR D 217 -9.62 -10.44 14.32
N ASN D 218 -9.42 -9.86 13.14
CA ASN D 218 -9.37 -8.42 12.88
C ASN D 218 -10.52 -7.61 13.48
N ASP D 219 -11.74 -8.08 13.23
CA ASP D 219 -12.93 -7.40 13.67
C ASP D 219 -13.16 -7.32 15.16
N ASN D 220 -12.39 -8.07 15.94
CA ASN D 220 -12.55 -8.04 17.39
C ASN D 220 -13.99 -8.41 17.76
N LYS D 221 -14.55 -9.37 17.03
CA LYS D 221 -15.91 -9.83 17.27
C LYS D 221 -16.06 -10.35 18.69
N THR D 222 -17.10 -9.90 19.37
CA THR D 222 -17.38 -10.35 20.73
C THR D 222 -18.77 -10.97 20.79
N VAL D 223 -18.97 -11.87 21.74
CA VAL D 223 -20.25 -12.55 21.91
C VAL D 223 -20.54 -12.71 23.40
N ASP D 224 -21.80 -12.95 23.74
CA ASP D 224 -22.19 -13.12 25.13
C ASP D 224 -21.88 -14.55 25.57
N SER D 225 -20.91 -14.68 26.46
CA SER D 225 -20.48 -15.98 26.96
C SER D 225 -21.61 -16.88 27.46
N LYS D 226 -22.49 -16.32 28.29
CA LYS D 226 -23.62 -17.08 28.83
C LYS D 226 -24.57 -17.67 27.81
N SER D 227 -24.74 -17.01 26.66
CA SER D 227 -25.69 -17.50 25.67
C SER D 227 -25.14 -18.02 24.35
N VAL D 228 -23.84 -17.88 24.11
CA VAL D 228 -23.29 -18.32 22.84
C VAL D 228 -23.05 -19.82 22.80
N LYS D 229 -23.18 -20.40 21.61
CA LYS D 229 -22.96 -21.83 21.41
C LYS D 229 -21.96 -22.03 20.26
N ILE D 230 -20.99 -22.91 20.49
CA ILE D 230 -19.95 -23.22 19.52
C ILE D 230 -20.10 -24.65 18.97
N GLU D 231 -19.93 -24.76 17.66
CA GLU D 231 -20.01 -26.03 16.95
C GLU D 231 -18.76 -26.19 16.08
N VAL D 232 -17.99 -27.25 16.29
CA VAL D 232 -16.81 -27.49 15.47
C VAL D 232 -17.15 -28.61 14.50
N HIS D 233 -17.18 -28.28 13.21
CA HIS D 233 -17.51 -29.25 12.17
C HIS D 233 -16.26 -29.69 11.40
N LEU D 234 -15.86 -30.95 11.59
CA LEU D 234 -14.69 -31.48 10.91
C LEU D 234 -15.05 -32.61 9.96
N THR D 235 -14.13 -32.92 9.04
CA THR D 235 -14.33 -34.01 8.09
C THR D 235 -13.02 -34.73 7.84
N THR D 236 -13.10 -36.03 7.61
CA THR D 236 -11.93 -36.85 7.29
C THR D 236 -11.99 -36.99 5.78
N LYS D 237 -10.83 -37.00 5.12
CA LYS D 237 -10.77 -37.08 3.65
C LYS D 237 -11.71 -38.10 2.99
N ASN D 238 -11.70 -39.32 3.48
CA ASN D 238 -12.53 -40.38 2.90
C ASN D 238 -13.86 -40.62 3.63
N GLY D 239 -13.88 -40.35 4.93
CA GLY D 239 -15.09 -40.55 5.71
C GLY D 239 -14.84 -41.46 6.91
#